data_3VHI
#
_entry.id   3VHI
#
_cell.length_a   130.781
_cell.length_b   73.455
_cell.length_c   81.251
_cell.angle_alpha   90.000
_cell.angle_beta   120.050
_cell.angle_gamma   90.000
#
_symmetry.space_group_name_H-M   'C 1 2 1'
#
loop_
_entity.id
_entity.type
_entity.pdbx_description
1 polymer Avidin
2 non-polymer '5-{(3aS,4S,6aR)-1-[(benzyloxy)carbonyl]-2-oxohexahydro-1H-thieno[3,4-d]imidazol-4-yl}pentanoic acid'
3 non-polymer 2-acetamido-2-deoxy-beta-D-glucopyranose
4 non-polymer 'SULFATE ION'
5 water water
#
_entity_poly.entity_id   1
_entity_poly.type   'polypeptide(L)'
_entity_poly.pdbx_seq_one_letter_code
;RKCSLTGKWTNDLGSNMTIGAVNSRGEFTGTYITAVTATSNEIKESPLHGTQNTINKRTQPTFGFTVNWKFSESTTVFTG
QCFIDRNGKEVLKTMWLLRSSVNDIGDDWKATRVGINIFTRL
;
_entity_poly.pdbx_strand_id   A,B,C,D
#
loop_
_chem_comp.id
_chem_comp.type
_chem_comp.name
_chem_comp.formula
NAG D-saccharide, beta linking 2-acetamido-2-deoxy-beta-D-glucopyranose 'C8 H15 N O6'
SO4 non-polymer 'SULFATE ION' 'O4 S -2'
VHI non-polymer '5-{(3aS,4S,6aR)-1-[(benzyloxy)carbonyl]-2-oxohexahydro-1H-thieno[3,4-d]imidazol-4-yl}pentanoic acid' 'C18 H22 N2 O5 S'
#
# COMPACT_ATOMS: atom_id res chain seq x y z
N ARG A 1 -6.69 -25.50 15.99
CA ARG A 1 -7.94 -25.42 15.20
C ARG A 1 -7.55 -25.15 13.76
N LYS A 2 -8.48 -25.46 12.88
CA LYS A 2 -8.42 -24.91 11.54
C LYS A 2 -9.20 -23.62 11.48
N CYS A 3 -8.64 -22.65 10.81
CA CYS A 3 -9.29 -21.38 10.69
C CYS A 3 -10.14 -21.41 9.45
N SER A 4 -11.43 -21.18 9.63
CA SER A 4 -12.40 -21.17 8.51
C SER A 4 -12.97 -19.79 8.25
N LEU A 5 -13.19 -19.45 6.97
CA LEU A 5 -13.73 -18.17 6.60
C LEU A 5 -15.23 -18.04 6.82
N THR A 6 -15.90 -19.19 6.87
CA THR A 6 -17.36 -19.24 6.80
C THR A 6 -17.96 -18.72 8.09
N GLY A 7 -18.87 -17.77 8.00
CA GLY A 7 -19.49 -17.18 9.17
C GLY A 7 -19.74 -15.68 9.07
N LYS A 8 -20.26 -15.09 10.17
CA LYS A 8 -20.48 -13.66 10.24
C LYS A 8 -19.28 -13.05 10.99
N TRP A 9 -18.73 -11.94 10.46
CA TRP A 9 -17.55 -11.29 11.08
C TRP A 9 -17.87 -9.85 11.31
N THR A 10 -17.07 -9.19 12.18
CA THR A 10 -17.24 -7.77 12.38
C THR A 10 -15.84 -7.17 12.62
N ASN A 11 -15.73 -5.87 12.45
CA ASN A 11 -14.43 -5.12 12.75
C ASN A 11 -14.65 -3.98 13.78
N ASP A 12 -13.61 -3.16 14.03
CA ASP A 12 -13.76 -2.10 15.08
C ASP A 12 -14.66 -0.93 14.71
N LEU A 13 -14.87 -0.74 13.40
CA LEU A 13 -15.75 0.31 12.95
C LEU A 13 -17.22 -0.06 13.12
N GLY A 14 -17.47 -1.33 13.40
CA GLY A 14 -18.78 -1.91 13.37
C GLY A 14 -19.23 -2.35 11.99
N SER A 15 -18.35 -2.36 10.98
CA SER A 15 -18.73 -3.00 9.67
C SER A 15 -18.87 -4.51 9.86
N ASN A 16 -19.79 -5.16 9.13
CA ASN A 16 -19.95 -6.59 9.26
C ASN A 16 -19.87 -7.21 7.90
N MET A 17 -19.42 -8.46 7.87
CA MET A 17 -19.51 -9.22 6.63
C MET A 17 -19.93 -10.64 6.90
N THR A 18 -20.65 -11.25 5.95
CA THR A 18 -20.99 -12.64 6.06
C THR A 18 -20.35 -13.41 4.90
N ILE A 19 -19.62 -14.47 5.19
CA ILE A 19 -19.02 -15.30 4.14
C ILE A 19 -19.72 -16.65 4.18
N GLY A 20 -20.15 -17.08 3.01
CA GLY A 20 -20.80 -18.40 2.91
C GLY A 20 -19.90 -19.57 2.90
N ALA A 21 -20.38 -20.70 2.39
CA ALA A 21 -19.48 -21.85 2.36
C ALA A 21 -18.37 -21.71 1.35
N VAL A 22 -17.28 -22.37 1.63
CA VAL A 22 -16.15 -22.36 0.73
C VAL A 22 -16.18 -23.70 -0.02
N ASN A 23 -16.28 -23.62 -1.35
CA ASN A 23 -16.30 -24.87 -2.22
C ASN A 23 -14.90 -25.52 -2.44
N SER A 24 -14.85 -26.67 -3.16
CA SER A 24 -13.58 -27.49 -3.29
C SER A 24 -12.47 -26.73 -4.06
N ARG A 25 -12.89 -25.81 -4.93
CA ARG A 25 -11.92 -24.89 -5.56
C ARG A 25 -11.57 -23.63 -4.74
N GLY A 26 -12.10 -23.50 -3.53
CA GLY A 26 -11.71 -22.43 -2.60
C GLY A 26 -12.55 -21.18 -2.78
N GLU A 27 -13.63 -21.27 -3.56
CA GLU A 27 -14.43 -20.10 -3.87
C GLU A 27 -15.51 -19.88 -2.81
N PHE A 28 -15.74 -18.61 -2.49
CA PHE A 28 -16.80 -18.23 -1.61
C PHE A 28 -17.47 -16.95 -2.07
N THR A 29 -18.71 -16.78 -1.59
CA THR A 29 -19.51 -15.57 -1.80
C THR A 29 -19.94 -15.02 -0.49
N GLY A 30 -20.26 -13.71 -0.47
CA GLY A 30 -20.79 -13.16 0.77
C GLY A 30 -21.38 -11.81 0.57
N THR A 31 -21.58 -11.13 1.72
CA THR A 31 -22.12 -9.79 1.73
C THR A 31 -21.33 -8.96 2.73
N TYR A 32 -21.26 -7.66 2.47
CA TYR A 32 -20.53 -6.74 3.29
C TYR A 32 -21.46 -5.53 3.56
N ILE A 33 -21.54 -5.21 4.83
CA ILE A 33 -22.23 -3.98 5.24
C ILE A 33 -21.25 -3.05 5.93
N THR A 34 -20.90 -2.01 5.22
CA THR A 34 -19.84 -1.13 5.80
C THR A 34 -20.53 -0.12 6.75
N ALA A 35 -19.84 0.16 7.84
CA ALA A 35 -20.16 1.28 8.77
C ALA A 35 -19.83 2.68 8.24
N VAL A 36 -18.92 2.80 7.30
CA VAL A 36 -18.37 4.11 6.93
C VAL A 36 -18.29 4.17 5.42
N THR A 37 -18.28 5.33 4.82
CA THR A 37 -18.19 5.42 3.41
C THR A 37 -17.40 6.66 3.04
N ALA A 38 -16.74 6.64 1.86
CA ALA A 38 -16.13 7.88 1.30
C ALA A 38 -17.14 8.58 0.38
N THR A 39 -18.36 8.02 0.20
CA THR A 39 -19.41 8.66 -0.66
C THR A 39 -20.20 9.62 0.17
N SER A 40 -21.20 10.26 -0.43
CA SER A 40 -22.14 11.16 0.24
C SER A 40 -23.55 10.53 0.11
N ASN A 41 -23.52 9.18 -0.03
CA ASN A 41 -24.64 8.33 -0.43
C ASN A 41 -25.18 7.57 0.72
N GLU A 42 -26.30 6.91 0.57
CA GLU A 42 -26.76 5.94 1.52
C GLU A 42 -26.01 4.63 1.32
N ILE A 43 -25.41 4.12 2.38
CA ILE A 43 -24.75 2.80 2.31
C ILE A 43 -25.77 1.67 2.07
N LYS A 44 -25.50 0.80 1.11
CA LYS A 44 -26.25 -0.48 1.09
C LYS A 44 -25.37 -1.70 1.22
N GLU A 45 -25.96 -2.75 1.74
CA GLU A 45 -25.36 -4.09 1.70
C GLU A 45 -24.85 -4.43 0.29
N SER A 46 -23.58 -4.94 0.16
CA SER A 46 -22.97 -5.16 -1.16
C SER A 46 -22.39 -6.57 -1.21
N PRO A 47 -22.34 -7.21 -2.39
CA PRO A 47 -21.91 -8.61 -2.41
C PRO A 47 -20.36 -8.62 -2.40
N LEU A 48 -19.81 -9.74 -2.01
CA LEU A 48 -18.35 -9.94 -2.21
C LEU A 48 -18.16 -11.36 -2.75
N HIS A 49 -17.02 -11.56 -3.43
CA HIS A 49 -16.64 -12.83 -3.96
C HIS A 49 -15.13 -12.97 -3.83
N GLY A 50 -14.71 -14.16 -3.50
CA GLY A 50 -13.25 -14.39 -3.36
C GLY A 50 -12.86 -15.87 -3.29
N THR A 51 -11.61 -16.10 -3.00
CA THR A 51 -11.09 -17.51 -2.86
C THR A 51 -10.15 -17.57 -1.69
N GLN A 52 -10.10 -18.74 -1.10
CA GLN A 52 -9.09 -19.08 -0.09
C GLN A 52 -8.09 -20.01 -0.82
N ASN A 53 -6.84 -19.91 -0.43
CA ASN A 53 -5.77 -20.68 -1.08
C ASN A 53 -5.77 -22.07 -0.38
N THR A 54 -5.67 -23.17 -1.13
CA THR A 54 -5.80 -24.45 -0.46
C THR A 54 -4.56 -25.27 -0.67
N ILE A 55 -3.52 -24.65 -1.21
CA ILE A 55 -2.24 -25.35 -1.43
C ILE A 55 -1.67 -25.81 -0.08
N ASN A 56 -1.28 -27.11 -0.01
CA ASN A 56 -0.75 -27.75 1.24
C ASN A 56 -1.84 -27.78 2.36
N LYS A 57 -3.07 -27.47 2.00
CA LYS A 57 -4.21 -27.51 2.96
C LYS A 57 -3.85 -26.90 4.27
N ARG A 58 -3.31 -25.68 4.24
CA ARG A 58 -2.91 -24.97 5.45
C ARG A 58 -4.09 -24.68 6.39
N THR A 59 -3.86 -24.86 7.71
CA THR A 59 -4.89 -24.55 8.71
C THR A 59 -5.16 -23.05 8.85
N GLN A 60 -4.20 -22.24 8.38
CA GLN A 60 -4.35 -20.81 8.50
C GLN A 60 -4.22 -20.22 7.07
N PRO A 61 -5.26 -20.39 6.23
CA PRO A 61 -4.95 -20.08 4.83
C PRO A 61 -4.98 -18.60 4.54
N THR A 62 -4.22 -18.21 3.50
CA THR A 62 -4.45 -16.92 2.87
C THR A 62 -5.67 -16.93 2.05
N PHE A 63 -6.16 -15.71 1.76
CA PHE A 63 -7.35 -15.56 0.91
C PHE A 63 -7.46 -14.17 0.42
N GLY A 64 -8.36 -13.94 -0.54
CA GLY A 64 -8.60 -12.56 -1.03
C GLY A 64 -10.06 -12.49 -1.45
N PHE A 65 -10.61 -11.26 -1.40
CA PHE A 65 -11.93 -11.15 -2.01
C PHE A 65 -12.14 -9.77 -2.49
N THR A 66 -13.19 -9.55 -3.30
CA THR A 66 -13.50 -8.25 -3.92
C THR A 66 -14.91 -7.90 -3.42
N VAL A 67 -15.11 -6.66 -3.02
CA VAL A 67 -16.45 -6.19 -2.59
C VAL A 67 -16.90 -5.31 -3.71
N ASN A 68 -18.03 -5.68 -4.29
CA ASN A 68 -18.57 -4.90 -5.37
C ASN A 68 -19.63 -3.88 -4.89
N TRP A 69 -19.20 -2.66 -4.57
CA TRP A 69 -20.08 -1.80 -3.74
C TRP A 69 -21.34 -1.49 -4.60
N LYS A 70 -22.48 -1.52 -3.93
CA LYS A 70 -23.74 -1.22 -4.65
C LYS A 70 -24.21 0.21 -4.54
N PHE A 71 -23.47 1.11 -3.91
CA PHE A 71 -23.88 2.50 -3.76
C PHE A 71 -22.76 3.43 -4.17
N SER A 72 -21.75 2.92 -4.91
CA SER A 72 -20.65 3.74 -5.31
C SER A 72 -20.11 3.12 -6.56
N GLU A 73 -19.32 3.84 -7.32
CA GLU A 73 -18.64 3.37 -8.50
C GLU A 73 -17.31 2.72 -8.13
N SER A 74 -17.00 2.72 -6.86
CA SER A 74 -15.65 2.15 -6.34
C SER A 74 -15.70 0.64 -6.21
N THR A 75 -14.47 0.03 -6.03
CA THR A 75 -14.36 -1.40 -5.73
C THR A 75 -13.32 -1.49 -4.59
N THR A 76 -13.50 -2.37 -3.65
CA THR A 76 -12.41 -2.65 -2.67
C THR A 76 -11.99 -4.11 -2.80
N VAL A 77 -10.66 -4.40 -2.72
CA VAL A 77 -10.29 -5.76 -2.49
C VAL A 77 -9.57 -5.89 -1.21
N PHE A 78 -9.69 -7.08 -0.63
CA PHE A 78 -9.08 -7.35 0.69
C PHE A 78 -8.24 -8.64 0.46
N THR A 79 -7.15 -8.69 1.19
CA THR A 79 -6.38 -10.01 1.20
C THR A 79 -5.73 -10.20 2.54
N GLY A 80 -5.58 -11.42 2.97
CA GLY A 80 -5.07 -11.62 4.35
C GLY A 80 -4.96 -13.09 4.68
N GLN A 81 -4.95 -13.38 5.96
CA GLN A 81 -4.77 -14.74 6.43
C GLN A 81 -5.74 -14.95 7.61
N CYS A 82 -6.30 -16.14 7.63
CA CYS A 82 -7.28 -16.58 8.69
C CYS A 82 -6.37 -17.24 9.77
N PHE A 83 -6.17 -16.59 10.93
CA PHE A 83 -5.24 -17.07 11.94
C PHE A 83 -6.06 -17.58 13.10
N ILE A 84 -5.47 -18.52 13.82
CA ILE A 84 -5.83 -18.66 15.25
C ILE A 84 -4.98 -17.70 16.10
N ASP A 85 -5.64 -16.77 16.77
CA ASP A 85 -4.94 -15.76 17.48
C ASP A 85 -4.34 -16.38 18.79
N ARG A 86 -3.54 -15.58 19.52
CA ARG A 86 -2.89 -16.00 20.74
C ARG A 86 -3.94 -16.48 21.73
N ASN A 87 -5.13 -15.85 21.73
CA ASN A 87 -6.21 -16.25 22.69
C ASN A 87 -7.10 -17.42 22.16
N GLY A 88 -6.68 -18.02 21.04
CA GLY A 88 -7.41 -19.19 20.45
C GLY A 88 -8.60 -18.89 19.62
N LYS A 89 -8.92 -17.60 19.41
CA LYS A 89 -10.06 -17.23 18.63
C LYS A 89 -9.60 -17.15 17.15
N GLU A 90 -10.54 -17.36 16.24
CA GLU A 90 -10.20 -17.06 14.80
C GLU A 90 -10.12 -15.58 14.65
N VAL A 91 -9.19 -15.06 13.78
CA VAL A 91 -9.21 -13.65 13.47
C VAL A 91 -8.77 -13.57 12.00
N LEU A 92 -9.33 -12.61 11.25
CA LEU A 92 -8.88 -12.45 9.89
C LEU A 92 -8.03 -11.18 9.93
N LYS A 93 -6.77 -11.31 9.52
CA LYS A 93 -5.95 -10.10 9.47
C LYS A 93 -5.81 -9.77 7.98
N THR A 94 -6.30 -8.58 7.54
CA THR A 94 -6.28 -8.28 6.09
C THR A 94 -5.76 -6.90 5.85
N MET A 95 -5.35 -6.71 4.61
CA MET A 95 -5.08 -5.37 4.05
C MET A 95 -6.01 -5.22 2.84
N TRP A 96 -6.27 -3.95 2.54
CA TRP A 96 -7.18 -3.61 1.43
C TRP A 96 -6.71 -2.50 0.57
N LEU A 97 -7.17 -2.48 -0.65
CA LEU A 97 -7.08 -1.33 -1.60
C LEU A 97 -8.51 -0.97 -1.97
N LEU A 98 -8.82 0.36 -1.83
CA LEU A 98 -10.10 0.90 -2.30
C LEU A 98 -9.82 1.71 -3.49
N ARG A 99 -10.37 1.26 -4.65
CA ARG A 99 -10.13 1.94 -5.89
C ARG A 99 -11.36 2.86 -6.16
N SER A 100 -11.12 4.17 -6.21
CA SER A 100 -12.17 5.11 -6.69
C SER A 100 -12.17 5.20 -8.20
N SER A 101 -13.35 5.59 -8.75
CA SER A 101 -13.43 5.91 -10.13
C SER A 101 -12.96 7.35 -10.41
N VAL A 102 -12.07 7.51 -11.34
CA VAL A 102 -11.70 8.84 -11.83
C VAL A 102 -12.17 9.02 -13.28
N ASN A 103 -12.32 10.28 -13.70
CA ASN A 103 -12.80 10.56 -15.05
C ASN A 103 -11.79 10.52 -16.12
N ASP A 104 -10.54 10.74 -15.77
CA ASP A 104 -9.46 10.99 -16.70
C ASP A 104 -8.26 10.12 -16.28
N ILE A 105 -7.57 9.50 -17.22
CA ILE A 105 -6.46 8.66 -16.90
C ILE A 105 -5.30 9.44 -16.24
N GLY A 106 -5.24 10.75 -16.49
CA GLY A 106 -4.27 11.60 -15.76
C GLY A 106 -4.47 11.72 -14.27
N ASP A 107 -5.68 11.43 -13.74
CA ASP A 107 -5.98 11.40 -12.35
C ASP A 107 -5.87 9.98 -11.69
N ASP A 108 -5.36 9.02 -12.45
CA ASP A 108 -5.29 7.64 -11.90
C ASP A 108 -4.36 7.57 -10.65
N TRP A 109 -3.29 8.37 -10.62
CA TRP A 109 -2.36 8.38 -9.49
C TRP A 109 -3.00 8.53 -8.16
N LYS A 110 -4.16 9.25 -8.03
CA LYS A 110 -4.71 9.39 -6.76
C LYS A 110 -5.87 8.56 -6.45
N ALA A 111 -6.11 7.54 -7.29
CA ALA A 111 -7.40 6.82 -7.14
C ALA A 111 -7.38 5.63 -6.14
N THR A 112 -6.22 5.35 -5.45
CA THR A 112 -6.16 4.18 -4.61
C THR A 112 -5.76 4.38 -3.19
N ARG A 113 -6.65 4.04 -2.25
CA ARG A 113 -6.40 4.19 -0.83
C ARG A 113 -6.04 2.77 -0.33
N VAL A 114 -5.28 2.79 0.75
CA VAL A 114 -4.88 1.52 1.35
C VAL A 114 -5.16 1.51 2.84
N GLY A 115 -5.28 0.34 3.42
CA GLY A 115 -5.50 0.23 4.84
C GLY A 115 -5.54 -1.19 5.37
N ILE A 116 -5.77 -1.38 6.67
CA ILE A 116 -5.95 -2.69 7.23
C ILE A 116 -7.37 -2.92 7.67
N ASN A 117 -7.70 -4.14 7.89
CA ASN A 117 -9.01 -4.45 8.52
C ASN A 117 -8.80 -5.77 9.27
N ILE A 118 -9.13 -5.78 10.56
CA ILE A 118 -9.03 -6.98 11.34
C ILE A 118 -10.44 -7.42 11.73
N PHE A 119 -10.79 -8.68 11.45
CA PHE A 119 -12.19 -9.16 11.70
C PHE A 119 -12.22 -10.17 12.76
N THR A 120 -13.32 -10.15 13.57
CA THR A 120 -13.50 -11.20 14.57
C THR A 120 -14.92 -11.75 14.39
N ARG A 121 -15.17 -12.95 14.82
CA ARG A 121 -16.48 -13.57 14.55
C ARG A 121 -17.60 -12.84 15.32
N LEU A 122 -18.73 -12.65 14.68
CA LEU A 122 -19.85 -11.97 15.33
C LEU A 122 -20.82 -13.07 15.58
N LYS B 2 -18.47 0.64 -22.31
CA LYS B 2 -17.56 0.47 -23.51
C LYS B 2 -16.11 0.03 -23.21
N CYS B 3 -15.43 0.39 -22.08
CA CYS B 3 -14.13 -0.34 -21.81
C CYS B 3 -14.49 -1.72 -21.22
N SER B 4 -14.10 -2.82 -21.87
CA SER B 4 -14.44 -4.16 -21.43
C SER B 4 -13.24 -4.91 -20.91
N LEU B 5 -13.41 -5.69 -19.85
CA LEU B 5 -12.29 -6.42 -19.30
C LEU B 5 -12.03 -7.75 -20.04
N THR B 6 -13.04 -8.19 -20.83
CA THR B 6 -12.99 -9.51 -21.44
C THR B 6 -11.93 -9.53 -22.49
N GLY B 7 -11.01 -10.46 -22.46
CA GLY B 7 -9.93 -10.49 -23.42
C GLY B 7 -8.72 -11.13 -22.90
N LYS B 8 -7.64 -11.13 -23.69
CA LYS B 8 -6.33 -11.51 -23.25
C LYS B 8 -5.42 -10.24 -23.08
N TRP B 9 -4.71 -10.23 -21.96
CA TRP B 9 -3.96 -9.02 -21.51
C TRP B 9 -2.55 -9.38 -21.22
N THR B 10 -1.60 -8.43 -21.35
CA THR B 10 -0.28 -8.68 -20.87
C THR B 10 0.21 -7.43 -20.12
N ASN B 11 1.24 -7.60 -19.33
CA ASN B 11 2.01 -6.43 -18.76
C ASN B 11 3.47 -6.37 -19.12
N ASP B 12 4.19 -5.32 -18.65
CA ASP B 12 5.63 -5.17 -19.07
C ASP B 12 6.57 -6.27 -18.53
N LEU B 13 6.19 -6.85 -17.37
CA LEU B 13 6.87 -7.98 -16.77
C LEU B 13 6.71 -9.20 -17.63
N GLY B 14 5.72 -9.20 -18.54
CA GLY B 14 5.60 -10.29 -19.47
C GLY B 14 4.51 -11.28 -18.95
N SER B 15 3.82 -10.94 -17.84
CA SER B 15 2.76 -11.88 -17.33
C SER B 15 1.56 -11.73 -18.26
N ASN B 16 0.75 -12.80 -18.44
CA ASN B 16 -0.50 -12.62 -19.14
C ASN B 16 -1.65 -13.04 -18.31
N MET B 17 -2.79 -12.53 -18.68
CA MET B 17 -4.03 -12.88 -17.99
C MET B 17 -5.12 -13.05 -19.04
N THR B 18 -6.05 -13.99 -18.86
CA THR B 18 -7.29 -13.92 -19.62
C THR B 18 -8.44 -13.64 -18.71
N ILE B 19 -9.43 -12.93 -19.23
CA ILE B 19 -10.70 -12.69 -18.56
C ILE B 19 -11.82 -13.10 -19.52
N GLY B 20 -12.72 -13.90 -19.01
CA GLY B 20 -13.88 -14.23 -19.84
C GLY B 20 -15.03 -13.25 -19.78
N ALA B 21 -16.17 -13.74 -20.22
CA ALA B 21 -17.34 -12.85 -20.30
C ALA B 21 -17.71 -12.34 -18.89
N VAL B 22 -18.23 -11.12 -18.84
CA VAL B 22 -18.66 -10.53 -17.60
C VAL B 22 -20.21 -10.65 -17.55
N ASN B 23 -20.75 -11.29 -16.52
CA ASN B 23 -22.21 -11.55 -16.47
C ASN B 23 -22.94 -10.30 -16.00
N SER B 24 -24.29 -10.34 -15.93
CA SER B 24 -25.04 -9.10 -15.61
C SER B 24 -24.83 -8.55 -14.23
N ARG B 25 -24.44 -9.41 -13.31
CA ARG B 25 -23.98 -9.05 -11.94
C ARG B 25 -22.49 -8.57 -11.82
N GLY B 26 -21.78 -8.54 -12.94
CA GLY B 26 -20.45 -7.86 -13.06
C GLY B 26 -19.37 -8.91 -12.76
N GLU B 27 -19.76 -10.18 -12.56
CA GLU B 27 -18.78 -11.25 -12.25
C GLU B 27 -18.02 -11.76 -13.48
N PHE B 28 -16.78 -12.16 -13.23
CA PHE B 28 -16.02 -12.87 -14.25
C PHE B 28 -14.99 -13.78 -13.65
N THR B 29 -14.53 -14.71 -14.50
CA THR B 29 -13.48 -15.65 -14.10
C THR B 29 -12.33 -15.45 -15.07
N GLY B 30 -11.13 -15.90 -14.74
CA GLY B 30 -10.03 -15.67 -15.67
C GLY B 30 -8.90 -16.59 -15.35
N THR B 31 -7.77 -16.39 -16.05
CA THR B 31 -6.53 -17.09 -15.70
C THR B 31 -5.37 -16.11 -15.65
N TYR B 32 -4.34 -16.45 -14.91
CA TYR B 32 -3.21 -15.55 -14.82
C TYR B 32 -1.95 -16.43 -14.92
N ILE B 33 -1.07 -16.11 -15.87
CA ILE B 33 0.25 -16.77 -15.88
C ILE B 33 1.38 -15.77 -15.63
N THR B 34 1.96 -15.87 -14.44
CA THR B 34 2.90 -14.82 -14.04
C THR B 34 4.25 -15.15 -14.66
N ALA B 35 4.96 -14.09 -15.04
CA ALA B 35 6.36 -14.26 -15.44
C ALA B 35 7.28 -14.30 -14.27
N VAL B 36 6.81 -13.90 -13.06
CA VAL B 36 7.75 -13.82 -11.95
C VAL B 36 7.11 -14.34 -10.68
N THR B 37 7.91 -14.67 -9.71
CA THR B 37 7.40 -15.19 -8.47
C THR B 37 8.30 -14.84 -7.32
N ALA B 38 7.76 -14.82 -6.11
CA ALA B 38 8.61 -14.54 -4.96
C ALA B 38 9.00 -15.94 -4.39
N THR B 39 8.46 -17.03 -4.99
CA THR B 39 8.65 -18.42 -4.49
C THR B 39 9.83 -19.00 -5.23
N SER B 40 10.42 -20.05 -4.70
CA SER B 40 11.32 -20.83 -5.54
C SER B 40 10.62 -22.00 -6.25
N ASN B 41 9.29 -22.00 -6.31
CA ASN B 41 8.50 -23.09 -6.97
C ASN B 41 8.32 -22.82 -8.45
N GLU B 42 8.06 -23.87 -9.20
CA GLU B 42 7.76 -23.78 -10.61
C GLU B 42 6.36 -23.13 -10.80
N ILE B 43 6.32 -22.11 -11.63
CA ILE B 43 5.09 -21.35 -11.88
C ILE B 43 4.02 -22.20 -12.68
N LYS B 44 2.75 -22.13 -12.30
CA LYS B 44 1.66 -22.74 -13.04
C LYS B 44 0.62 -21.68 -13.26
N GLU B 45 -0.02 -21.75 -14.39
CA GLU B 45 -1.18 -20.93 -14.65
C GLU B 45 -2.21 -21.05 -13.52
N SER B 46 -2.85 -19.94 -13.11
CA SER B 46 -3.70 -20.04 -11.90
C SER B 46 -4.96 -19.34 -12.21
N PRO B 47 -6.03 -19.73 -11.53
CA PRO B 47 -7.30 -19.08 -11.81
C PRO B 47 -7.51 -17.73 -11.07
N LEU B 48 -8.37 -16.90 -11.62
CA LEU B 48 -8.74 -15.62 -10.90
C LEU B 48 -10.23 -15.47 -11.02
N HIS B 49 -10.78 -14.72 -10.08
CA HIS B 49 -12.20 -14.44 -10.07
C HIS B 49 -12.39 -13.03 -9.50
N GLY B 50 -13.31 -12.31 -10.08
CA GLY B 50 -13.57 -10.91 -9.59
C GLY B 50 -14.85 -10.32 -10.11
N THR B 51 -14.96 -9.00 -9.95
CA THR B 51 -16.17 -8.29 -10.37
C THR B 51 -15.79 -6.95 -10.90
N GLN B 52 -16.61 -6.44 -11.80
CA GLN B 52 -16.54 -5.13 -12.36
C GLN B 52 -17.71 -4.40 -11.68
N ASN B 53 -17.49 -3.12 -11.37
CA ASN B 53 -18.49 -2.32 -10.72
C ASN B 53 -19.46 -1.86 -11.85
N THR B 54 -20.77 -2.03 -11.65
CA THR B 54 -21.69 -1.59 -12.73
C THR B 54 -22.58 -0.46 -12.28
N ILE B 55 -22.22 0.26 -11.23
CA ILE B 55 -23.07 1.36 -10.78
C ILE B 55 -22.94 2.47 -11.79
N ASN B 56 -24.11 3.00 -12.24
CA ASN B 56 -24.17 4.07 -13.26
C ASN B 56 -23.61 3.63 -14.61
N LYS B 57 -23.52 2.32 -14.83
CA LYS B 57 -22.94 1.71 -16.05
C LYS B 57 -21.80 2.55 -16.69
N ARG B 58 -20.80 2.90 -15.87
CA ARG B 58 -19.68 3.71 -16.35
C ARG B 58 -19.02 3.03 -17.49
N THR B 59 -18.58 3.81 -18.46
CA THR B 59 -17.85 3.35 -19.57
C THR B 59 -16.42 3.01 -19.20
N GLN B 60 -15.92 3.56 -18.08
CA GLN B 60 -14.55 3.21 -17.64
C GLN B 60 -14.66 2.65 -16.23
N PRO B 61 -15.15 1.38 -16.09
CA PRO B 61 -15.55 0.85 -14.81
C PRO B 61 -14.30 0.56 -13.88
N THR B 62 -14.52 0.73 -12.60
CA THR B 62 -13.58 -0.01 -11.60
C THR B 62 -13.82 -1.47 -11.54
N PHE B 63 -12.85 -2.22 -10.96
CA PHE B 63 -13.01 -3.65 -10.86
C PHE B 63 -11.97 -4.17 -9.83
N GLY B 64 -12.15 -5.40 -9.44
CA GLY B 64 -11.12 -6.10 -8.56
C GLY B 64 -11.19 -7.57 -8.92
N PHE B 65 -10.05 -8.27 -8.63
CA PHE B 65 -10.13 -9.73 -8.71
C PHE B 65 -9.11 -10.32 -7.85
N THR B 66 -9.25 -11.61 -7.58
CA THR B 66 -8.32 -12.29 -6.68
C THR B 66 -7.66 -13.40 -7.52
N VAL B 67 -6.35 -13.52 -7.40
CA VAL B 67 -5.62 -14.63 -8.13
C VAL B 67 -5.31 -15.68 -7.09
N ASN B 68 -5.82 -16.91 -7.34
CA ASN B 68 -5.70 -18.01 -6.39
C ASN B 68 -4.52 -18.85 -6.88
N TRP B 69 -3.31 -18.48 -6.46
CA TRP B 69 -2.07 -19.15 -7.00
C TRP B 69 -2.06 -20.67 -6.75
N LYS B 70 -1.68 -21.41 -7.78
CA LYS B 70 -1.75 -22.86 -7.70
C LYS B 70 -0.37 -23.45 -7.40
N PHE B 71 0.64 -22.63 -7.15
CA PHE B 71 2.00 -23.10 -6.97
C PHE B 71 2.61 -22.51 -5.70
N SER B 72 1.79 -21.74 -4.89
CA SER B 72 2.32 -21.21 -3.63
C SER B 72 1.09 -21.12 -2.70
N GLU B 73 1.39 -20.74 -1.48
CA GLU B 73 0.35 -20.67 -0.46
C GLU B 73 -0.21 -19.23 -0.41
N SER B 74 0.35 -18.38 -1.27
CA SER B 74 -0.01 -16.94 -1.29
C SER B 74 -1.30 -16.64 -2.07
N THR B 75 -1.80 -15.40 -1.94
CA THR B 75 -2.94 -14.93 -2.76
C THR B 75 -2.62 -13.44 -3.15
N THR B 76 -3.00 -13.01 -4.36
CA THR B 76 -2.84 -11.59 -4.78
C THR B 76 -4.21 -11.07 -5.11
N VAL B 77 -4.53 -9.85 -4.67
CA VAL B 77 -5.69 -9.20 -5.18
C VAL B 77 -5.26 -8.04 -6.04
N PHE B 78 -6.07 -7.67 -7.06
CA PHE B 78 -5.73 -6.53 -7.92
C PHE B 78 -7.03 -5.66 -7.94
N THR B 79 -6.84 -4.35 -7.95
CA THR B 79 -8.01 -3.46 -8.22
C THR B 79 -7.57 -2.34 -9.10
N GLY B 80 -8.49 -1.78 -9.91
CA GLY B 80 -8.06 -0.78 -10.83
C GLY B 80 -9.25 -0.27 -11.65
N GLN B 81 -8.92 0.28 -12.79
CA GLN B 81 -9.93 0.87 -13.70
C GLN B 81 -9.55 0.60 -15.08
N CYS B 82 -10.58 0.36 -15.91
CA CYS B 82 -10.42 0.14 -17.35
C CYS B 82 -10.62 1.49 -18.08
N PHE B 83 -9.53 1.97 -18.66
CA PHE B 83 -9.52 3.22 -19.43
C PHE B 83 -9.53 3.00 -20.92
N ILE B 84 -10.33 3.77 -21.67
CA ILE B 84 -10.36 3.52 -23.14
C ILE B 84 -10.27 4.85 -23.84
N ASP B 85 -9.48 4.94 -24.92
CA ASP B 85 -9.16 6.24 -25.60
C ASP B 85 -10.09 6.42 -26.86
N ARG B 86 -9.83 7.49 -27.67
CA ARG B 86 -10.66 7.84 -28.87
C ARG B 86 -10.69 6.66 -29.86
N ASN B 87 -9.51 6.12 -30.13
CA ASN B 87 -9.29 4.98 -31.04
C ASN B 87 -9.75 3.58 -30.53
N GLY B 88 -10.50 3.56 -29.40
CA GLY B 88 -10.95 2.34 -28.69
C GLY B 88 -9.86 1.45 -28.07
N LYS B 89 -8.69 2.06 -27.80
CA LYS B 89 -7.57 1.27 -27.24
C LYS B 89 -7.69 1.25 -25.68
N GLU B 90 -7.58 0.07 -25.09
CA GLU B 90 -7.87 -0.04 -23.64
C GLU B 90 -6.61 -0.21 -22.82
N VAL B 91 -6.65 0.26 -21.55
CA VAL B 91 -5.53 0.03 -20.60
C VAL B 91 -6.18 -0.26 -19.26
N LEU B 92 -5.74 -1.29 -18.56
CA LEU B 92 -6.17 -1.46 -17.19
C LEU B 92 -5.03 -0.94 -16.30
N LYS B 93 -5.34 -0.01 -15.43
CA LYS B 93 -4.30 0.53 -14.46
C LYS B 93 -4.77 -0.08 -13.17
N THR B 94 -3.87 -0.83 -12.56
CA THR B 94 -4.24 -1.51 -11.31
C THR B 94 -3.15 -1.43 -10.26
N MET B 95 -3.56 -1.69 -9.03
CA MET B 95 -2.61 -1.87 -7.95
C MET B 95 -2.96 -3.20 -7.34
N TRP B 96 -1.97 -3.77 -6.67
CA TRP B 96 -2.09 -5.12 -6.06
C TRP B 96 -1.55 -5.25 -4.70
N LEU B 97 -2.10 -6.23 -3.96
CA LEU B 97 -1.46 -6.71 -2.72
C LEU B 97 -1.23 -8.17 -2.90
N LEU B 98 0.01 -8.58 -2.58
CA LEU B 98 0.41 -10.00 -2.60
C LEU B 98 0.58 -10.42 -1.14
N ARG B 99 -0.28 -11.36 -0.71
CA ARG B 99 -0.25 -11.77 0.67
C ARG B 99 0.50 -13.14 0.75
N SER B 100 1.61 -13.14 1.44
CA SER B 100 2.36 -14.40 1.69
C SER B 100 1.71 -15.10 2.91
N SER B 101 1.92 -16.44 3.00
CA SER B 101 1.49 -17.14 4.22
C SER B 101 2.59 -17.05 5.22
N VAL B 102 2.24 -16.78 6.47
CA VAL B 102 3.25 -16.92 7.49
C VAL B 102 2.70 -17.95 8.47
N ASN B 103 3.61 -18.63 9.19
CA ASN B 103 3.21 -19.59 10.22
C ASN B 103 2.74 -19.00 11.53
N ASP B 104 3.28 -17.88 11.98
CA ASP B 104 2.94 -17.37 13.29
C ASP B 104 2.30 -15.95 13.10
N ILE B 105 1.27 -15.63 13.87
CA ILE B 105 0.56 -14.39 13.74
C ILE B 105 1.49 -13.23 14.11
N GLY B 106 2.58 -13.51 14.85
CA GLY B 106 3.55 -12.42 15.18
C GLY B 106 4.42 -12.00 13.97
N ASP B 107 4.37 -12.78 12.92
CA ASP B 107 5.02 -12.38 11.69
C ASP B 107 4.04 -11.75 10.66
N ASP B 108 2.78 -11.56 11.06
CA ASP B 108 1.75 -11.03 10.11
C ASP B 108 2.28 -9.72 9.53
N TRP B 109 3.05 -8.97 10.29
CA TRP B 109 3.40 -7.54 9.90
C TRP B 109 4.17 -7.52 8.59
N LYS B 110 4.88 -8.57 8.26
CA LYS B 110 5.74 -8.56 7.08
C LYS B 110 5.15 -9.29 5.90
N ALA B 111 3.91 -9.67 6.02
CA ALA B 111 3.30 -10.62 5.05
C ALA B 111 2.72 -10.03 3.71
N THR B 112 2.71 -8.72 3.60
CA THR B 112 1.99 -8.11 2.45
C THR B 112 2.89 -7.19 1.67
N ARG B 113 3.01 -7.54 0.39
CA ARG B 113 3.69 -6.68 -0.58
C ARG B 113 2.67 -5.87 -1.39
N VAL B 114 3.13 -4.73 -1.93
CA VAL B 114 2.20 -3.89 -2.72
C VAL B 114 2.92 -3.47 -4.02
N GLY B 115 2.16 -3.17 -5.09
CA GLY B 115 2.78 -2.64 -6.31
C GLY B 115 1.70 -2.36 -7.30
N ILE B 116 2.15 -1.99 -8.49
CA ILE B 116 1.21 -1.69 -9.59
C ILE B 116 1.30 -2.64 -10.73
N ASN B 117 0.29 -2.72 -11.60
CA ASN B 117 0.46 -3.50 -12.84
C ASN B 117 -0.34 -2.75 -13.87
N ILE B 118 0.24 -2.50 -15.03
CA ILE B 118 -0.55 -1.93 -16.11
C ILE B 118 -0.70 -2.96 -17.21
N PHE B 119 -1.96 -3.24 -17.58
CA PHE B 119 -2.17 -4.28 -18.63
C PHE B 119 -2.63 -3.63 -19.94
N THR B 120 -2.19 -4.22 -21.04
CA THR B 120 -2.74 -3.83 -22.33
C THR B 120 -3.23 -5.12 -23.05
N ARG B 121 -4.07 -4.96 -24.06
CA ARG B 121 -4.55 -6.16 -24.80
C ARG B 121 -3.50 -6.93 -25.63
N LEU B 122 -3.75 -8.25 -25.77
CA LEU B 122 -3.23 -8.99 -26.96
C LEU B 122 -4.33 -9.14 -28.04
N ARG C 1 28.39 1.57 -12.50
CA ARG C 1 28.38 3.02 -12.07
C ARG C 1 27.81 2.87 -10.69
N LYS C 2 28.00 3.90 -9.88
CA LYS C 2 27.29 3.94 -8.62
C LYS C 2 26.07 4.79 -8.90
N CYS C 3 24.92 4.43 -8.32
CA CYS C 3 23.72 5.24 -8.56
C CYS C 3 23.65 6.30 -7.46
N SER C 4 23.62 7.57 -7.84
CA SER C 4 23.70 8.66 -6.89
C SER C 4 22.38 9.37 -6.86
N LEU C 5 21.87 9.77 -5.71
CA LEU C 5 20.60 10.48 -5.63
C LEU C 5 20.68 11.96 -6.02
N THR C 6 21.88 12.50 -5.98
CA THR C 6 22.03 13.96 -6.05
C THR C 6 21.77 14.43 -7.49
N GLY C 7 20.98 15.48 -7.67
CA GLY C 7 20.71 15.99 -9.02
C GLY C 7 19.26 16.38 -9.18
N LYS C 8 18.84 16.62 -10.45
CA LYS C 8 17.50 17.04 -10.70
C LYS C 8 16.80 15.84 -11.40
N TRP C 9 15.61 15.53 -10.94
CA TRP C 9 14.86 14.32 -11.46
C TRP C 9 13.50 14.73 -11.98
N THR C 10 12.89 13.94 -12.89
CA THR C 10 11.50 14.22 -13.26
C THR C 10 10.80 12.80 -13.38
N ASN C 11 9.49 12.81 -13.35
CA ASN C 11 8.65 11.56 -13.58
C ASN C 11 7.64 11.75 -14.75
N ASP C 12 6.73 10.79 -15.04
CA ASP C 12 5.79 10.96 -16.22
C ASP C 12 4.63 11.97 -16.11
N LEU C 13 4.31 12.32 -14.86
CA LEU C 13 3.45 13.46 -14.52
C LEU C 13 4.07 14.79 -14.87
N GLY C 14 5.37 14.85 -15.09
CA GLY C 14 6.04 16.12 -15.19
C GLY C 14 6.35 16.73 -13.81
N SER C 15 6.13 16.00 -12.71
CA SER C 15 6.67 16.47 -11.39
C SER C 15 8.20 16.50 -11.43
N ASN C 16 8.88 17.48 -10.80
CA ASN C 16 10.33 17.48 -10.74
C ASN C 16 10.77 17.50 -9.31
N MET C 17 11.93 16.98 -9.04
CA MET C 17 12.51 17.13 -7.70
C MET C 17 14.00 17.29 -7.82
N THR C 18 14.60 18.08 -6.91
CA THR C 18 15.99 18.29 -6.86
C THR C 18 16.52 17.79 -5.51
N ILE C 19 17.50 16.91 -5.57
CA ILE C 19 18.13 16.38 -4.34
C ILE C 19 19.57 16.93 -4.25
N GLY C 20 19.93 17.43 -3.06
CA GLY C 20 21.28 17.93 -2.91
C GLY C 20 22.31 16.86 -2.59
N ALA C 21 23.44 17.34 -2.07
CA ALA C 21 24.50 16.42 -1.71
C ALA C 21 24.04 15.47 -0.56
N VAL C 22 24.50 14.23 -0.60
CA VAL C 22 24.21 13.31 0.50
C VAL C 22 25.40 13.34 1.49
N ASN C 23 25.16 13.54 2.78
CA ASN C 23 26.28 13.74 3.73
C ASN C 23 26.77 12.37 4.26
N SER C 24 27.69 12.40 5.21
CA SER C 24 28.33 11.11 5.57
C SER C 24 27.40 10.24 6.42
N ARG C 25 26.40 10.84 7.01
CA ARG C 25 25.36 10.06 7.65
C ARG C 25 24.19 9.63 6.68
N GLY C 26 24.33 9.81 5.34
CA GLY C 26 23.31 9.41 4.35
C GLY C 26 22.17 10.41 4.24
N GLU C 27 22.27 11.53 4.90
CA GLU C 27 21.17 12.55 4.88
C GLU C 27 21.22 13.43 3.66
N PHE C 28 20.02 13.81 3.17
CA PHE C 28 19.97 14.75 2.12
C PHE C 28 18.71 15.61 2.25
N THR C 29 18.78 16.74 1.58
CA THR C 29 17.67 17.69 1.53
C THR C 29 17.38 17.96 0.07
N GLY C 30 16.15 18.40 -0.27
CA GLY C 30 15.88 18.77 -1.66
C GLY C 30 14.65 19.61 -1.79
N THR C 31 14.15 19.70 -3.03
CA THR C 31 12.82 20.35 -3.20
C THR C 31 12.06 19.48 -4.21
N TYR C 32 10.77 19.52 -4.06
CA TYR C 32 9.82 18.81 -4.91
C TYR C 32 8.79 19.81 -5.49
N ILE C 33 8.65 19.79 -6.81
CA ILE C 33 7.47 20.51 -7.45
C ILE C 33 6.49 19.52 -8.08
N THR C 34 5.37 19.26 -7.43
CA THR C 34 4.36 18.33 -7.94
C THR C 34 3.57 18.98 -9.13
N ALA C 35 3.26 18.16 -10.14
CA ALA C 35 2.23 18.51 -11.20
C ALA C 35 0.80 18.32 -10.84
N VAL C 36 0.48 17.56 -9.77
CA VAL C 36 -0.90 17.28 -9.44
C VAL C 36 -1.20 17.39 -7.95
N THR C 37 -2.44 17.53 -7.51
CA THR C 37 -2.69 17.47 -6.11
C THR C 37 -4.05 16.82 -5.87
N ALA C 38 -4.25 16.26 -4.71
CA ALA C 38 -5.56 15.74 -4.39
C ALA C 38 -6.38 16.86 -3.70
N THR C 39 -5.74 17.98 -3.46
CA THR C 39 -6.46 19.11 -2.80
C THR C 39 -7.10 20.14 -3.78
N SER C 40 -7.91 21.08 -3.23
CA SER C 40 -8.46 22.19 -4.07
C SER C 40 -7.57 23.43 -3.90
N ASN C 41 -6.30 23.15 -3.64
CA ASN C 41 -5.36 24.21 -3.31
C ASN C 41 -4.32 24.51 -4.39
N GLU C 42 -3.73 25.65 -4.23
CA GLU C 42 -2.70 26.10 -5.18
C GLU C 42 -1.39 25.40 -4.74
N ILE C 43 -0.66 24.88 -5.73
CA ILE C 43 0.57 24.08 -5.56
C ILE C 43 1.72 25.06 -5.42
N LYS C 44 2.67 24.74 -4.53
CA LYS C 44 3.93 25.47 -4.40
C LYS C 44 5.05 24.42 -4.22
N GLU C 45 6.24 24.73 -4.72
CA GLU C 45 7.49 23.98 -4.43
C GLU C 45 7.51 23.66 -2.93
N SER C 46 8.03 22.49 -2.58
CA SER C 46 8.04 22.15 -1.18
C SER C 46 9.34 21.38 -0.87
N PRO C 47 9.80 21.51 0.38
CA PRO C 47 11.08 20.89 0.77
C PRO C 47 10.89 19.35 0.98
N LEU C 48 11.99 18.64 0.79
CA LEU C 48 11.97 17.23 1.15
C LEU C 48 13.23 16.92 1.93
N HIS C 49 13.11 15.94 2.80
CA HIS C 49 14.32 15.48 3.57
C HIS C 49 14.32 13.97 3.70
N GLY C 50 15.51 13.33 3.59
CA GLY C 50 15.49 11.87 3.73
C GLY C 50 16.92 11.35 3.90
N THR C 51 17.03 10.03 3.71
CA THR C 51 18.38 9.41 3.94
C THR C 51 18.49 8.27 2.94
N GLN C 52 19.70 8.00 2.55
CA GLN C 52 20.08 6.84 1.76
C GLN C 52 20.66 5.84 2.71
N ASN C 53 20.41 4.53 2.51
CA ASN C 53 20.96 3.52 3.40
C ASN C 53 22.40 3.28 2.90
N THR C 54 23.39 3.29 3.82
CA THR C 54 24.78 3.12 3.33
C THR C 54 25.39 1.83 3.93
N ILE C 55 24.59 0.91 4.40
CA ILE C 55 25.04 -0.40 4.89
C ILE C 55 25.62 -1.20 3.73
N ASN C 56 26.88 -1.66 3.90
CA ASN C 56 27.61 -2.39 2.87
C ASN C 56 27.91 -1.55 1.66
N LYS C 57 27.80 -0.23 1.86
CA LYS C 57 27.92 0.77 0.78
C LYS C 57 27.51 0.27 -0.60
N ARG C 58 26.23 -0.15 -0.77
CA ARG C 58 25.79 -0.72 -2.03
C ARG C 58 25.81 0.32 -3.12
N THR C 59 26.04 -0.10 -4.36
CA THR C 59 26.08 0.83 -5.51
C THR C 59 24.67 1.19 -5.95
N GLN C 60 23.70 0.38 -5.53
CA GLN C 60 22.34 0.69 -5.82
C GLN C 60 21.52 0.83 -4.50
N PRO C 61 21.68 1.95 -3.74
CA PRO C 61 21.15 2.01 -2.33
C PRO C 61 19.65 2.20 -2.31
N THR C 62 19.07 1.60 -1.27
CA THR C 62 17.68 2.06 -0.88
C THR C 62 17.72 3.40 -0.27
N PHE C 63 16.58 4.07 -0.28
CA PHE C 63 16.48 5.36 0.37
C PHE C 63 15.03 5.69 0.73
N GLY C 64 14.85 6.74 1.51
CA GLY C 64 13.43 7.22 1.75
C GLY C 64 13.53 8.69 1.92
N PHE C 65 12.38 9.35 1.67
CA PHE C 65 12.34 10.79 2.00
C PHE C 65 10.89 11.22 2.32
N THR C 66 10.76 12.39 2.95
CA THR C 66 9.44 12.91 3.29
C THR C 66 9.35 14.26 2.59
N VAL C 67 8.21 14.48 1.94
CA VAL C 67 7.93 15.83 1.30
C VAL C 67 6.97 16.58 2.23
N ASN C 68 7.40 17.79 2.67
CA ASN C 68 6.58 18.41 3.67
C ASN C 68 5.82 19.49 2.89
N TRP C 69 4.65 19.12 2.37
CA TRP C 69 4.01 20.07 1.36
C TRP C 69 3.70 21.48 2.03
N LYS C 70 3.93 22.50 1.24
CA LYS C 70 3.88 23.89 1.88
C LYS C 70 2.56 24.51 1.53
N PHE C 71 1.79 23.80 0.75
CA PHE C 71 0.46 24.31 0.29
C PHE C 71 -0.66 23.48 0.69
N SER C 72 -0.54 22.47 1.57
CA SER C 72 -1.61 21.66 2.02
C SER C 72 -1.23 21.16 3.40
N GLU C 73 -2.09 20.50 4.10
CA GLU C 73 -1.77 19.91 5.43
C GLU C 73 -1.28 18.41 5.38
N SER C 74 -1.15 17.94 4.12
CA SER C 74 -0.77 16.53 3.74
C SER C 74 0.73 16.36 3.93
N THR C 75 1.13 15.06 3.98
CA THR C 75 2.60 14.67 3.93
C THR C 75 2.67 13.47 2.93
N THR C 76 3.74 13.44 2.12
CA THR C 76 3.94 12.16 1.33
C THR C 76 5.32 11.67 1.78
N VAL C 77 5.44 10.33 1.85
CA VAL C 77 6.77 9.71 2.01
C VAL C 77 7.00 8.84 0.78
N PHE C 78 8.28 8.79 0.37
CA PHE C 78 8.60 7.95 -0.84
C PHE C 78 9.72 7.03 -0.32
N THR C 79 9.72 5.81 -0.86
CA THR C 79 10.91 4.96 -0.51
C THR C 79 11.17 4.14 -1.77
N GLY C 80 12.43 3.79 -2.01
CA GLY C 80 12.61 2.95 -3.21
C GLY C 80 14.20 2.74 -3.30
N GLN C 81 14.65 2.50 -4.50
CA GLN C 81 16.05 2.13 -4.73
C GLN C 81 16.56 2.85 -5.98
N CYS C 82 17.81 3.30 -5.94
CA CYS C 82 18.41 3.95 -7.08
C CYS C 82 19.13 2.83 -7.89
N PHE C 83 18.64 2.49 -9.08
CA PHE C 83 19.23 1.39 -9.82
C PHE C 83 20.04 2.02 -10.99
N ILE C 84 20.98 1.22 -11.46
CA ILE C 84 21.47 1.48 -12.81
C ILE C 84 20.62 0.57 -13.71
N ASP C 85 19.84 1.14 -14.59
CA ASP C 85 18.87 0.39 -15.45
C ASP C 85 19.68 -0.50 -16.47
N ARG C 86 18.97 -1.32 -17.24
CA ARG C 86 19.65 -2.21 -18.21
C ARG C 86 20.40 -1.40 -19.28
N ASN C 87 19.83 -0.26 -19.61
CA ASN C 87 20.49 0.67 -20.54
C ASN C 87 21.58 1.55 -19.94
N GLY C 88 21.97 1.30 -18.68
CA GLY C 88 23.03 2.08 -18.03
C GLY C 88 22.68 3.42 -17.43
N LYS C 89 21.42 3.83 -17.51
CA LYS C 89 20.98 5.09 -17.00
C LYS C 89 20.61 4.89 -15.49
N GLU C 90 20.75 5.91 -14.68
CA GLU C 90 20.23 5.88 -13.32
C GLU C 90 18.70 5.94 -13.33
N VAL C 91 18.00 5.25 -12.44
CA VAL C 91 16.53 5.38 -12.40
C VAL C 91 16.14 5.20 -10.95
N LEU C 92 15.23 6.04 -10.45
CA LEU C 92 14.85 5.83 -9.02
C LEU C 92 13.48 5.10 -9.15
N LYS C 93 13.33 3.90 -8.55
CA LYS C 93 12.03 3.20 -8.57
C LYS C 93 11.51 3.39 -7.15
N THR C 94 10.38 4.06 -7.00
CA THR C 94 9.92 4.32 -5.63
C THR C 94 8.42 4.04 -5.51
N MET C 95 7.98 3.85 -4.25
CA MET C 95 6.59 3.82 -3.93
C MET C 95 6.38 4.90 -2.91
N TRP C 96 5.11 5.33 -2.80
CA TRP C 96 4.78 6.43 -1.84
C TRP C 96 3.50 6.25 -1.12
N LEU C 97 3.38 6.94 0.02
CA LEU C 97 2.06 7.01 0.77
C LEU C 97 1.86 8.50 0.91
N LEU C 98 0.65 8.94 0.56
CA LEU C 98 0.20 10.30 0.72
C LEU C 98 -0.82 10.31 1.84
N ARG C 99 -0.49 11.00 2.92
CA ARG C 99 -1.33 11.04 4.08
C ARG C 99 -2.10 12.33 4.09
N SER C 100 -3.41 12.22 4.04
CA SER C 100 -4.24 13.43 4.14
C SER C 100 -4.55 13.75 5.57
N SER C 101 -4.87 15.02 5.89
CA SER C 101 -5.29 15.34 7.25
C SER C 101 -6.79 15.05 7.39
N VAL C 102 -7.19 14.29 8.36
CA VAL C 102 -8.64 14.11 8.63
C VAL C 102 -8.99 14.92 9.90
N ASN C 103 -10.29 15.22 10.11
CA ASN C 103 -10.67 16.05 11.26
C ASN C 103 -10.86 15.19 12.45
N ASP C 104 -11.17 13.93 12.28
CA ASP C 104 -11.52 13.11 13.40
C ASP C 104 -10.82 11.77 13.25
N ILE C 105 -10.50 11.11 14.36
CA ILE C 105 -9.87 9.79 14.38
C ILE C 105 -10.69 8.71 13.67
N GLY C 106 -12.04 8.73 13.84
CA GLY C 106 -12.96 7.78 13.12
C GLY C 106 -12.79 7.70 11.61
N ASP C 107 -12.31 8.77 10.99
CA ASP C 107 -12.12 8.85 9.55
C ASP C 107 -10.64 8.43 9.13
N ASP C 108 -9.88 7.94 10.08
CA ASP C 108 -8.42 7.71 9.79
C ASP C 108 -8.33 6.75 8.64
N TRP C 109 -9.30 5.85 8.59
CA TRP C 109 -9.27 4.70 7.66
C TRP C 109 -9.09 5.14 6.26
N LYS C 110 -9.55 6.32 5.88
CA LYS C 110 -9.55 6.71 4.50
C LYS C 110 -8.51 7.73 4.15
N ALA C 111 -7.53 7.93 5.05
CA ALA C 111 -6.63 9.06 4.86
C ALA C 111 -5.34 8.73 4.14
N THR C 112 -5.15 7.52 3.64
CA THR C 112 -3.79 7.24 3.03
C THR C 112 -3.90 6.66 1.62
N ARG C 113 -3.36 7.36 0.64
CA ARG C 113 -3.33 6.86 -0.71
C ARG C 113 -1.92 6.23 -0.96
N VAL C 114 -1.86 5.41 -1.96
CA VAL C 114 -0.55 4.74 -2.28
C VAL C 114 -0.32 4.76 -3.76
N GLY C 115 0.95 4.71 -4.17
CA GLY C 115 1.21 4.67 -5.60
C GLY C 115 2.69 4.42 -5.89
N ILE C 116 3.05 4.52 -7.13
CA ILE C 116 4.50 4.40 -7.52
C ILE C 116 4.93 5.70 -8.12
N ASN C 117 6.23 5.92 -8.18
CA ASN C 117 6.74 7.05 -8.97
C ASN C 117 8.13 6.57 -9.50
N ILE C 118 8.38 6.71 -10.79
CA ILE C 118 9.70 6.32 -11.34
C ILE C 118 10.35 7.61 -11.84
N PHE C 119 11.53 7.89 -11.36
CA PHE C 119 12.28 9.13 -11.80
C PHE C 119 13.43 8.85 -12.63
N THR C 120 13.68 9.78 -13.55
CA THR C 120 14.83 9.77 -14.36
C THR C 120 15.41 11.18 -14.30
N ARG C 121 16.69 11.28 -14.56
CA ARG C 121 17.40 12.59 -14.49
C ARG C 121 16.99 13.60 -15.56
N LEU C 122 16.96 14.87 -15.09
CA LEU C 122 16.82 16.21 -15.79
C LEU C 122 15.48 16.58 -16.31
N LYS D 2 -1.41 21.10 19.61
CA LYS D 2 -1.22 20.39 20.87
C LYS D 2 -1.09 18.86 20.83
N CYS D 3 -1.34 18.18 19.70
CA CYS D 3 -0.79 16.81 19.58
C CYS D 3 0.67 17.01 19.17
N SER D 4 1.60 16.62 20.03
CA SER D 4 3.03 16.80 19.75
C SER D 4 3.69 15.45 19.42
N LEU D 5 4.65 15.45 18.50
CA LEU D 5 5.36 14.19 18.25
C LEU D 5 6.51 13.89 19.20
N THR D 6 6.93 14.90 19.96
CA THR D 6 8.12 14.78 20.76
C THR D 6 7.84 13.86 21.89
N GLY D 7 8.66 12.83 22.09
CA GLY D 7 8.43 11.93 23.17
C GLY D 7 8.99 10.57 22.94
N LYS D 8 8.71 9.62 23.84
CA LYS D 8 9.13 8.27 23.65
C LYS D 8 7.82 7.49 23.36
N TRP D 9 7.83 6.59 22.36
CA TRP D 9 6.55 5.96 21.87
C TRP D 9 6.73 4.52 21.79
N THR D 10 5.63 3.73 21.86
CA THR D 10 5.79 2.29 21.65
C THR D 10 4.61 1.76 20.79
N ASN D 11 4.80 0.61 20.23
CA ASN D 11 3.69 0.00 19.46
C ASN D 11 3.38 -1.38 20.04
N ASP D 12 2.42 -2.09 19.46
CA ASP D 12 2.05 -3.45 20.00
C ASP D 12 3.05 -4.56 19.90
N LEU D 13 3.98 -4.44 18.92
CA LEU D 13 5.14 -5.37 18.78
C LEU D 13 6.19 -5.11 19.82
N GLY D 14 6.02 -3.98 20.53
CA GLY D 14 6.94 -3.61 21.53
C GLY D 14 8.13 -2.90 20.88
N SER D 15 8.03 -2.53 19.60
CA SER D 15 9.04 -1.57 19.09
C SER D 15 8.99 -0.27 19.81
N ASN D 16 10.12 0.46 20.01
CA ASN D 16 10.00 1.84 20.57
C ASN D 16 10.67 2.84 19.70
N MET D 17 10.22 4.06 19.81
CA MET D 17 10.81 5.15 19.10
C MET D 17 10.92 6.39 20.01
N THR D 18 11.96 7.22 19.80
CA THR D 18 12.02 8.54 20.38
C THR D 18 12.03 9.53 19.30
N ILE D 19 11.39 10.68 19.50
CA ILE D 19 11.48 11.80 18.61
C ILE D 19 11.81 13.00 19.52
N GLY D 20 12.77 13.81 19.11
CA GLY D 20 13.10 14.99 19.90
C GLY D 20 12.26 16.19 19.51
N ALA D 21 12.71 17.39 19.92
CA ALA D 21 12.05 18.61 19.54
C ALA D 21 11.82 18.76 18.04
N VAL D 22 10.70 19.38 17.69
CA VAL D 22 10.36 19.76 16.37
C VAL D 22 10.72 21.23 16.13
N ASN D 23 11.55 21.52 15.12
CA ASN D 23 11.83 22.85 14.51
C ASN D 23 10.74 23.76 14.15
N SER D 24 11.10 25.01 13.88
CA SER D 24 10.08 25.94 13.44
C SER D 24 9.76 25.57 11.96
N ARG D 25 10.74 24.92 11.28
CA ARG D 25 10.57 24.26 9.97
C ARG D 25 9.83 22.91 9.97
N GLY D 26 9.51 22.34 11.15
CA GLY D 26 8.73 21.10 11.33
C GLY D 26 9.70 19.88 11.28
N GLU D 27 11.01 20.13 11.17
CA GLU D 27 11.99 18.96 11.18
C GLU D 27 12.18 18.36 12.60
N PHE D 28 12.39 17.06 12.63
CA PHE D 28 12.74 16.35 13.81
C PHE D 28 13.66 15.21 13.49
N THR D 29 14.33 14.79 14.54
CA THR D 29 15.24 13.61 14.48
C THR D 29 14.73 12.65 15.50
N GLY D 30 15.11 11.36 15.41
CA GLY D 30 14.65 10.45 16.43
C GLY D 30 15.44 9.18 16.36
N THR D 31 14.99 8.19 17.12
CA THR D 31 15.63 6.82 17.08
C THR D 31 14.53 5.79 17.00
N TYR D 32 14.85 4.63 16.49
CA TYR D 32 13.84 3.50 16.42
C TYR D 32 14.56 2.25 16.81
N ILE D 33 13.98 1.54 17.78
CA ILE D 33 14.44 0.25 18.04
C ILE D 33 13.36 -0.79 17.82
N THR D 34 13.50 -1.47 16.73
CA THR D 34 12.43 -2.38 16.34
C THR D 34 12.53 -3.68 17.12
N ALA D 35 11.34 -4.27 17.36
CA ALA D 35 11.22 -5.60 17.98
C ALA D 35 11.35 -6.74 16.99
N VAL D 36 11.21 -6.43 15.71
CA VAL D 36 11.07 -7.46 14.66
C VAL D 36 11.90 -7.04 13.45
N THR D 37 12.31 -8.01 12.67
CA THR D 37 13.06 -7.70 11.47
C THR D 37 12.70 -8.74 10.46
N ALA D 38 12.84 -8.37 9.18
CA ALA D 38 12.64 -9.32 8.10
C ALA D 38 14.05 -9.93 7.85
N THR D 39 15.13 -9.39 8.46
CA THR D 39 16.51 -9.96 8.16
C THR D 39 16.87 -11.06 9.12
N SER D 40 18.01 -11.69 8.91
CA SER D 40 18.53 -12.57 9.97
C SER D 40 19.65 -11.92 10.76
N ASN D 41 19.87 -10.63 10.58
CA ASN D 41 20.91 -9.86 11.35
C ASN D 41 20.51 -9.45 12.81
N GLU D 42 21.48 -9.16 13.67
CA GLU D 42 21.10 -8.58 14.97
C GLU D 42 20.54 -7.16 14.87
N ILE D 43 19.41 -6.93 15.54
CA ILE D 43 18.76 -5.59 15.47
C ILE D 43 19.66 -4.57 16.18
N LYS D 44 19.79 -3.36 15.65
CA LYS D 44 20.44 -2.25 16.36
C LYS D 44 19.54 -1.06 16.28
N GLU D 45 19.60 -0.22 17.31
CA GLU D 45 18.89 1.04 17.37
C GLU D 45 19.29 1.82 16.12
N SER D 46 18.32 2.46 15.42
CA SER D 46 18.61 3.18 14.17
C SER D 46 18.06 4.55 14.19
N PRO D 47 18.66 5.48 13.41
CA PRO D 47 18.16 6.83 13.51
C PRO D 47 16.95 7.02 12.60
N LEU D 48 16.20 8.07 12.88
CA LEU D 48 15.11 8.52 11.92
C LEU D 48 15.09 10.02 11.79
N HIS D 49 14.59 10.52 10.66
CA HIS D 49 14.54 11.93 10.37
C HIS D 49 13.19 12.11 9.64
N GLY D 50 12.50 13.20 9.97
CA GLY D 50 11.24 13.45 9.20
C GLY D 50 10.77 14.88 9.49
N THR D 51 9.50 15.14 9.10
CA THR D 51 8.95 16.49 9.31
C THR D 51 7.51 16.33 9.71
N GLN D 52 7.04 17.29 10.46
CA GLN D 52 5.59 17.45 10.72
C GLN D 52 5.08 18.60 9.83
N ASN D 53 3.86 18.49 9.29
CA ASN D 53 3.37 19.53 8.45
C ASN D 53 2.82 20.61 9.39
N THR D 54 3.18 21.86 9.10
CA THR D 54 2.79 22.99 10.04
C THR D 54 1.78 23.89 9.37
N ILE D 55 1.25 23.49 8.25
CA ILE D 55 0.33 24.41 7.49
C ILE D 55 -0.99 24.60 8.30
N ASN D 56 -1.48 25.86 8.40
CA ASN D 56 -2.60 26.22 9.34
C ASN D 56 -2.43 25.78 10.73
N LYS D 57 -1.14 25.53 11.13
CA LYS D 57 -0.78 25.07 12.48
C LYS D 57 -1.84 24.19 13.15
N ARG D 58 -2.23 23.12 12.45
CA ARG D 58 -3.25 22.16 13.00
C ARG D 58 -2.91 21.56 14.34
N THR D 59 -3.95 21.31 15.18
CA THR D 59 -3.68 20.63 16.39
C THR D 59 -3.39 19.12 16.21
N GLN D 60 -3.74 18.54 15.05
CA GLN D 60 -3.59 17.11 14.93
C GLN D 60 -2.78 16.93 13.59
N PRO D 61 -1.49 17.26 13.65
CA PRO D 61 -0.76 17.42 12.36
C PRO D 61 -0.45 16.01 11.71
N THR D 62 -0.34 16.08 10.39
CA THR D 62 0.28 14.90 9.63
C THR D 62 1.78 15.04 9.73
N PHE D 63 2.47 13.92 9.39
CA PHE D 63 3.96 14.04 9.43
C PHE D 63 4.47 12.79 8.68
N GLY D 64 5.78 12.77 8.40
CA GLY D 64 6.32 11.48 7.84
C GLY D 64 7.75 11.41 8.34
N PHE D 65 8.32 10.19 8.27
CA PHE D 65 9.77 10.17 8.62
C PHE D 65 10.33 8.91 8.00
N THR D 66 11.65 8.87 7.93
CA THR D 66 12.33 7.74 7.31
C THR D 66 13.20 7.15 8.36
N VAL D 67 13.22 5.84 8.46
CA VAL D 67 14.14 5.14 9.45
C VAL D 67 15.27 4.55 8.60
N ASN D 68 16.51 4.92 8.93
CA ASN D 68 17.65 4.53 8.19
C ASN D 68 18.28 3.34 8.96
N TRP D 69 17.83 2.14 8.63
CA TRP D 69 18.24 0.99 9.42
C TRP D 69 19.77 0.75 9.40
N LYS D 70 20.28 0.45 10.56
CA LYS D 70 21.78 0.35 10.72
C LYS D 70 22.22 -1.09 10.67
N PHE D 71 21.31 -2.04 10.43
CA PHE D 71 21.63 -3.47 10.53
C PHE D 71 21.11 -4.16 9.34
N SER D 72 20.64 -3.37 8.32
CA SER D 72 20.20 -4.01 7.04
C SER D 72 20.36 -3.02 5.92
N GLU D 73 20.14 -3.46 4.71
CA GLU D 73 20.28 -2.59 3.57
C GLU D 73 18.94 -1.90 3.20
N SER D 74 17.93 -2.22 3.98
CA SER D 74 16.54 -1.66 3.80
C SER D 74 16.34 -0.26 4.33
N THR D 75 15.20 0.33 3.89
CA THR D 75 14.76 1.63 4.46
C THR D 75 13.24 1.53 4.70
N THR D 76 12.76 2.12 5.81
CA THR D 76 11.27 2.13 5.96
C THR D 76 10.90 3.61 6.11
N VAL D 77 9.75 3.96 5.48
CA VAL D 77 9.16 5.26 5.70
C VAL D 77 7.80 5.08 6.36
N PHE D 78 7.45 6.10 7.20
CA PHE D 78 6.16 6.05 7.95
C PHE D 78 5.49 7.38 7.66
N THR D 79 4.14 7.33 7.56
CA THR D 79 3.48 8.62 7.45
C THR D 79 2.16 8.47 8.21
N GLY D 80 1.71 9.54 8.92
CA GLY D 80 0.46 9.39 9.63
C GLY D 80 0.02 10.77 10.18
N GLN D 81 -0.79 10.65 11.20
CA GLN D 81 -1.35 11.84 11.92
C GLN D 81 -1.33 11.60 13.42
N CYS D 82 -1.09 12.70 14.15
CA CYS D 82 -0.99 12.64 15.61
C CYS D 82 -2.45 13.05 16.12
N PHE D 83 -3.11 12.19 16.82
CA PHE D 83 -4.48 12.46 17.32
C PHE D 83 -4.42 12.60 18.82
N ILE D 84 -5.19 13.55 19.39
CA ILE D 84 -5.12 13.76 20.82
C ILE D 84 -6.54 13.88 21.35
N ASP D 85 -6.84 13.23 22.48
CA ASP D 85 -8.26 13.20 23.00
C ASP D 85 -8.54 14.26 24.13
N ARG D 86 -9.80 14.31 24.63
CA ARG D 86 -10.22 14.88 25.98
C ARG D 86 -9.07 15.18 26.98
N ASN D 87 -8.51 14.10 27.55
CA ASN D 87 -7.51 14.12 28.63
C ASN D 87 -6.11 14.49 28.19
N GLY D 88 -5.96 14.83 26.90
CA GLY D 88 -4.67 15.10 26.31
C GLY D 88 -3.89 13.84 25.92
N LYS D 89 -4.60 12.69 25.82
CA LYS D 89 -3.99 11.35 25.47
C LYS D 89 -3.66 11.21 23.95
N GLU D 90 -2.42 10.86 23.60
CA GLU D 90 -2.03 10.93 22.19
C GLU D 90 -1.89 9.56 21.55
N VAL D 91 -2.14 9.49 20.23
CA VAL D 91 -1.91 8.21 19.52
C VAL D 91 -1.40 8.67 18.15
N LEU D 92 -0.39 7.97 17.62
CA LEU D 92 0.02 8.37 16.24
C LEU D 92 -0.55 7.20 15.38
N LYS D 93 -1.33 7.49 14.36
CA LYS D 93 -1.83 6.38 13.50
C LYS D 93 -0.96 6.50 12.27
N THR D 94 -0.18 5.48 11.92
CA THR D 94 0.66 5.65 10.73
C THR D 94 0.46 4.39 9.81
N MET D 95 0.87 4.60 8.58
CA MET D 95 1.10 3.52 7.65
C MET D 95 2.64 3.64 7.15
N TRP D 96 3.19 2.49 6.65
CA TRP D 96 4.65 2.42 6.36
C TRP D 96 4.86 1.57 5.15
N LEU D 97 5.98 1.88 4.49
CA LEU D 97 6.44 1.03 3.35
C LEU D 97 7.87 0.67 3.79
N LEU D 98 8.17 -0.64 3.67
CA LEU D 98 9.58 -1.18 4.04
C LEU D 98 10.13 -1.55 2.70
N ARG D 99 11.20 -0.92 2.29
CA ARG D 99 11.78 -1.14 1.00
C ARG D 99 13.00 -2.03 1.21
N SER D 100 12.96 -3.23 0.67
CA SER D 100 14.17 -4.12 0.71
C SER D 100 15.02 -3.76 -0.48
N SER D 101 16.32 -4.12 -0.34
CA SER D 101 17.25 -4.00 -1.44
C SER D 101 17.17 -5.27 -2.28
N VAL D 102 17.09 -5.12 -3.58
CA VAL D 102 17.18 -6.20 -4.53
C VAL D 102 18.46 -6.00 -5.39
N ASN D 103 19.06 -7.08 -5.89
CA ASN D 103 20.28 -6.84 -6.66
C ASN D 103 19.97 -6.49 -8.08
N ASP D 104 18.86 -7.01 -8.63
CA ASP D 104 18.57 -6.77 -10.04
C ASP D 104 17.30 -5.99 -10.14
N ILE D 105 17.29 -4.99 -11.00
CA ILE D 105 16.11 -4.22 -11.26
C ILE D 105 14.84 -5.08 -11.64
N GLY D 106 15.08 -6.28 -12.19
CA GLY D 106 13.91 -7.09 -12.62
C GLY D 106 13.17 -7.57 -11.37
N ASP D 107 13.79 -7.53 -10.18
CA ASP D 107 13.14 -8.02 -8.99
C ASP D 107 12.46 -6.84 -8.19
N ASP D 108 12.50 -5.64 -8.77
CA ASP D 108 11.94 -4.48 -8.04
C ASP D 108 10.48 -4.68 -7.59
N TRP D 109 9.71 -5.40 -8.39
CA TRP D 109 8.27 -5.55 -8.17
C TRP D 109 8.01 -6.14 -6.82
N LYS D 110 8.96 -6.91 -6.26
CA LYS D 110 8.68 -7.56 -4.97
C LYS D 110 9.34 -6.96 -3.76
N ALA D 111 9.88 -5.75 -3.98
CA ALA D 111 10.72 -5.15 -2.97
C ALA D 111 10.05 -4.29 -1.85
N THR D 112 8.75 -4.06 -1.99
CA THR D 112 8.12 -3.15 -1.03
C THR D 112 6.99 -3.81 -0.27
N ARG D 113 7.13 -3.83 1.07
CA ARG D 113 6.05 -4.31 1.94
C ARG D 113 5.31 -3.11 2.54
N VAL D 114 4.09 -3.34 2.95
CA VAL D 114 3.27 -2.20 3.48
C VAL D 114 2.60 -2.71 4.76
N GLY D 115 2.27 -1.74 5.66
CA GLY D 115 1.55 -2.18 6.88
C GLY D 115 1.13 -0.90 7.64
N ILE D 116 0.62 -1.16 8.82
CA ILE D 116 0.28 -0.02 9.72
C ILE D 116 1.15 -0.11 10.97
N ASN D 117 1.17 1.01 11.74
CA ASN D 117 1.79 1.00 13.06
C ASN D 117 0.95 2.08 13.85
N ILE D 118 0.46 1.65 15.00
CA ILE D 118 -0.13 2.66 15.90
C ILE D 118 0.79 2.80 17.15
N PHE D 119 1.15 4.06 17.42
CA PHE D 119 2.06 4.29 18.56
C PHE D 119 1.33 5.04 19.68
N THR D 120 1.68 4.71 20.90
CA THR D 120 1.15 5.41 22.10
C THR D 120 2.37 5.88 22.87
N ARG D 121 2.19 6.96 23.61
CA ARG D 121 3.35 7.48 24.41
C ARG D 121 3.80 6.43 25.50
N LEU D 122 5.13 6.24 25.65
CA LEU D 122 5.70 5.26 26.54
C LEU D 122 6.34 6.01 27.72
N1 VHI E . -13.20 -0.48 6.00
S1 VHI E . -13.66 -0.52 2.61
C2 VHI E . -14.36 1.02 3.12
N2 VHI E . -15.18 0.10 5.27
C3 VHI E . -14.53 -0.71 6.09
O3 VHI E . -15.12 -1.50 6.76
C4 VHI E . -14.23 1.00 4.61
C5 VHI E . -12.85 0.41 4.97
C6 VHI E . -12.22 -0.21 3.70
C7 VHI E . -15.83 1.11 2.59
C8 VHI E . -15.83 1.59 1.17
C9 VHI E . -17.33 1.84 0.74
C10 VHI E . -17.47 2.30 -0.72
C11 VHI E . -16.98 3.67 -0.93
O11 VHI E . -16.89 4.46 0.04
O12 VHI E . -16.61 4.02 -2.07
C17 VHI E . -12.22 -0.77 6.91
O18 VHI E . -12.47 -1.44 8.18
O19 VHI E . -11.04 -0.35 6.78
C20 VHI E . -11.36 -1.80 9.12
C21 VHI E . -11.08 -0.73 10.18
C22 VHI E . -11.32 -0.96 11.57
C23 VHI E . -11.05 0.03 12.55
C24 VHI E . -10.53 1.27 12.15
C25 VHI E . -10.28 1.51 10.78
C26 VHI E . -10.56 0.51 9.79
C1 NAG F . -23.15 -5.21 12.75
C2 NAG F . -23.98 -4.00 12.41
C3 NAG F . -24.40 -3.43 13.79
C4 NAG F . -25.18 -4.52 14.58
C5 NAG F . -24.30 -5.75 14.72
C6 NAG F . -25.02 -6.73 15.65
C7 NAG F . -23.72 -2.38 10.52
C8 NAG F . -22.82 -1.39 9.73
N2 NAG F . -23.20 -2.97 11.59
O3 NAG F . -25.20 -2.28 13.50
O4 NAG F . -25.60 -4.11 15.94
O5 NAG F . -23.99 -6.21 13.28
O6 NAG F . -25.92 -7.48 14.78
O7 NAG F . -24.85 -2.68 10.08
S SO4 G . -14.32 -18.36 17.50
O1 SO4 G . -14.42 -18.50 18.91
O2 SO4 G . -15.10 -17.23 17.16
O3 SO4 G . -12.88 -18.19 17.39
O4 SO4 G . -14.77 -19.61 16.89
S SO4 H . -0.48 -26.41 9.29
O1 SO4 H . -1.14 -25.79 8.12
O2 SO4 H . -0.68 -25.60 10.50
O3 SO4 H . 0.98 -26.47 9.23
O4 SO4 H . -1.13 -27.73 9.33
N1 VHI I . 2.97 -8.95 -10.97
S1 VHI I . 1.48 -10.73 -8.50
C2 VHI I . 3.23 -11.39 -8.60
N2 VHI I . 3.38 -11.16 -11.04
C3 VHI I . 2.92 -10.14 -11.72
O3 VHI I . 2.55 -10.33 -12.84
C4 VHI I . 3.83 -10.67 -9.69
C5 VHI I . 3.34 -9.23 -9.58
C6 VHI I . 2.15 -9.12 -8.72
C7 VHI I . 3.19 -12.95 -8.73
C8 VHI I . 3.04 -13.56 -7.34
C9 VHI I . 3.09 -15.09 -7.67
C10 VHI I . 2.75 -15.91 -6.38
C11 VHI I . 3.84 -15.83 -5.37
O11 VHI I . 3.62 -16.11 -4.13
O12 VHI I . 5.00 -15.51 -5.76
C17 VHI I . 3.16 -7.69 -11.35
O18 VHI I . 3.38 -7.37 -12.72
O19 VHI I . 3.41 -6.70 -10.57
C20 VHI I . 2.80 -6.08 -13.06
C21 VHI I . 3.55 -5.10 -13.85
C22 VHI I . 2.66 -4.25 -14.59
C23 VHI I . 3.08 -3.24 -15.36
C24 VHI I . 4.48 -3.09 -15.42
C25 VHI I . 5.39 -3.88 -14.71
C26 VHI I . 4.96 -4.95 -13.88
C1 NAG J . 2.52 -14.40 -22.67
C2 NAG J . 3.59 -15.40 -22.24
C3 NAG J . 4.82 -15.27 -23.21
C4 NAG J . 4.41 -15.46 -24.66
C5 NAG J . 3.33 -14.42 -24.92
C6 NAG J . 2.97 -14.32 -26.38
C7 NAG J . 4.15 -15.99 -19.96
C8 NAG J . 4.64 -15.55 -18.57
N2 NAG J . 4.05 -15.07 -20.86
O3 NAG J . 5.73 -16.31 -22.87
O4 NAG J . 5.64 -15.35 -25.51
O5 NAG J . 2.04 -14.61 -24.02
O6 NAG J . 2.00 -15.30 -26.46
O7 NAG J . 3.84 -17.15 -20.17
S SO4 K . -4.68 -18.56 -24.59
O1 SO4 K . -4.21 -18.21 -23.30
O2 SO4 K . -6.15 -18.50 -24.47
O3 SO4 K . -4.17 -19.90 -24.73
O4 SO4 K . -4.27 -17.69 -25.70
S SO4 L . -19.69 7.64 -18.79
O1 SO4 L . -20.09 8.85 -18.13
O2 SO4 L . -19.73 6.47 -17.94
O3 SO4 L . -18.34 7.89 -19.23
O4 SO4 L . -20.56 7.37 -19.94
N1 VHI M . 3.12 11.87 -7.53
S1 VHI M . 2.66 12.81 -4.15
C2 VHI M . 1.35 13.72 -5.03
N2 VHI M . 2.63 13.99 -7.23
C3 VHI M . 3.51 13.15 -7.81
O3 VHI M . 4.48 13.55 -8.50
C4 VHI M . 1.62 13.27 -6.44
C5 VHI M . 2.10 11.76 -6.48
C6 VHI M . 2.51 11.27 -5.12
C7 VHI M . 1.36 15.28 -4.70
C8 VHI M . 0.63 15.42 -3.42
C9 VHI M . 0.53 16.93 -3.05
C10 VHI M . -0.18 17.28 -1.70
C11 VHI M . -1.64 16.87 -1.75
O11 VHI M . -2.28 16.52 -0.76
O12 VHI M . -2.15 16.77 -2.90
C17 VHI M . 3.23 10.81 -8.34
O18 VHI M . 3.91 10.86 -9.58
O19 VHI M . 2.67 9.71 -8.14
C20 VHI M . 4.31 9.64 -10.27
C21 VHI M . 3.41 9.28 -11.46
C22 VHI M . 3.90 9.33 -12.80
C23 VHI M . 3.07 9.01 -13.89
C24 VHI M . 1.75 8.62 -13.67
C25 VHI M . 1.26 8.57 -12.37
C26 VHI M . 2.08 8.89 -11.26
C1 NAG N . 9.27 20.13 -14.84
C2 NAG N . 8.22 21.14 -14.58
C3 NAG N . 7.73 21.56 -16.02
C4 NAG N . 8.92 22.17 -16.80
C5 NAG N . 10.21 21.26 -16.67
C6 NAG N . 11.44 22.11 -17.12
C7 NAG N . 6.47 21.25 -12.92
C8 NAG N . 5.41 20.48 -12.19
N2 NAG N . 7.13 20.54 -13.81
O3 NAG N . 6.58 22.46 -15.97
O4 NAG N . 8.55 22.41 -18.20
O5 NAG N . 10.47 20.75 -15.28
O6 NAG N . 12.36 21.13 -17.54
O7 NAG N . 6.64 22.48 -12.73
S SO4 O . 27.42 -3.71 -5.20
O1 SO4 O . 26.73 -2.78 -4.28
O2 SO4 O . 28.78 -3.70 -4.63
O3 SO4 O . 26.73 -4.99 -5.34
O4 SO4 O . 27.44 -3.21 -6.56
N1 VHI P . 6.98 -2.28 12.39
S1 VHI P . 9.33 -1.37 10.10
C2 VHI P . 9.71 -3.04 10.40
N2 VHI P . 9.03 -2.94 12.89
C3 VHI P . 8.02 -2.24 13.35
O3 VHI P . 8.02 -1.80 14.49
C4 VHI P . 8.78 -3.46 11.47
C5 VHI P . 7.41 -2.78 11.10
C6 VHI P . 7.54 -1.70 10.07
C7 VHI P . 11.19 -3.31 10.89
C8 VHI P . 12.09 -3.43 9.67
C9 VHI P . 13.60 -3.56 10.11
C10 VHI P . 14.55 -3.57 8.90
C11 VHI P . 14.35 -4.79 8.07
O11 VHI P . 13.88 -5.88 8.59
O12 VHI P . 14.69 -4.76 6.81
C17 VHI P . 5.62 -2.31 12.63
O18 VHI P . 5.00 -2.12 13.93
O19 VHI P . 4.73 -2.62 11.77
C20 VHI P . 3.55 -1.84 14.05
C21 VHI P . 2.84 -3.11 14.46
C22 VHI P . 2.09 -3.12 15.68
C23 VHI P . 1.40 -4.26 16.08
C24 VHI P . 1.42 -5.44 15.29
C25 VHI P . 2.12 -5.45 14.04
C26 VHI P . 2.81 -4.27 13.62
C1 NAG Q . 10.81 -0.98 24.68
C2 NAG Q . 11.81 -2.09 24.49
C3 NAG Q . 11.60 -3.14 25.63
C4 NAG Q . 11.67 -2.53 27.03
C5 NAG Q . 10.79 -1.31 27.10
C6 NAG Q . 11.29 -0.53 28.26
C7 NAG Q . 12.68 -3.06 22.42
C8 NAG Q . 12.46 -3.87 21.08
N2 NAG Q . 11.62 -2.78 23.18
O3 NAG Q . 12.65 -4.12 25.57
O4 NAG Q . 11.33 -3.57 28.06
O5 NAG Q . 10.98 -0.31 25.96
O6 NAG Q . 10.45 0.57 28.29
O7 NAG Q . 13.80 -2.65 22.75
S SO4 R . -7.24 22.95 14.51
O1 SO4 R . -7.53 24.06 13.62
O2 SO4 R . -7.28 23.38 15.91
O3 SO4 R . -8.25 21.90 14.32
O4 SO4 R . -5.90 22.57 14.14
#